data_8DNY
#
_entry.id   8DNY
#
_cell.length_a   1.00
_cell.length_b   1.00
_cell.length_c   1.00
_cell.angle_alpha   90.00
_cell.angle_beta   90.00
_cell.angle_gamma   90.00
#
_symmetry.space_group_name_H-M   'P 1'
#
loop_
_entity.id
_entity.type
_entity.pdbx_description
1 polymer 'Protein transport protein Sec61 subunit alpha isoform 1'
2 polymer 'Protein transport protein Sec61 subunit gamma'
3 polymer 'Protein transport protein Sec61 subunit beta'
4 polymer 'Decatransin peptide inhibitor'
#
loop_
_entity_poly.entity_id
_entity_poly.type
_entity_poly.pdbx_seq_one_letter_code
_entity_poly.pdbx_strand_id
1 'polypeptide(L)'
;MAIKFLEVIKPFCVILPEIQKPERKIQFKEKVLWTAITLFIFLVCCQIPLFGIMSSDSADPFYWMRVILASNRGTLMELG
ISPIVTSGLIMQLLAGAKIIEVGDTPKDRALFNGAQKLFGMIITIGQSIVYVMTGMYGDPSEMGAGICLLITIQLFVAGL
IVLLLDELLQKGYGLGSGISLFIATNICETIVWKAFSPTTVNTGRGMEFEGAIIALFHLLATRTDKVRALREAFYRQNLP
NLMNLIATIFVFAVVIYFQGFRYELPIRSTKVRGQIGIYPIKLFYTSNIPIILQSALVSNLYVISQMLSARFSGNLLVSL
LGTWSDTSSGGPARAYPVGGLCYYLSPPESFGSVLEDPVHAVVYIVFMLGSCAFFSKTWIEVSGSSPRDIAKQFKDQGMV
INGKRETSIYRELKKIIPTAAAFGGLCIGALSVLADFLGAIGSGTGILLAVTIIYQYFEIFVKEQSEVGSMGALLF
;
A
2 'polypeptide(L)' MDQVMQFVEPSRQFVKDSIRLVKRCTKPDRKEFQKIAMATAIGFAIMGFIGFFVKLIHIPINNIIVGG B
3 'polypeptide(L)'
;MPGPTPSGTNVGSSGRSPSKAVAARAAGSTVRQRKNASCGTRSAGRTTSAGTGGMWRFYTEDSPGLKVGPVPVLVMSLLF
IASVFMLHIWGKYTRS
;
C
4 'polypeptide(L)' A(YCP)(IML)(T2X)(YCP)(HLX)(T3R)(NZC)(YCP)(T3R) D
#
# COMPACT_ATOMS: atom_id res chain seq x y z
N PHE A 5 -31.30 14.27 -4.02
CA PHE A 5 -30.01 13.58 -3.95
C PHE A 5 -29.01 14.39 -3.13
N LEU A 6 -28.28 15.29 -3.79
CA LEU A 6 -27.28 16.09 -3.10
C LEU A 6 -27.93 16.96 -2.03
N GLU A 7 -29.07 17.56 -2.34
CA GLU A 7 -29.74 18.43 -1.37
C GLU A 7 -30.17 17.66 -0.13
N VAL A 8 -30.67 16.44 -0.30
CA VAL A 8 -31.16 15.70 0.85
C VAL A 8 -30.02 15.02 1.61
N ILE A 9 -28.88 14.76 0.95
CA ILE A 9 -27.77 14.15 1.67
C ILE A 9 -26.82 15.17 2.29
N LYS A 10 -26.88 16.44 1.88
CA LYS A 10 -26.03 17.45 2.50
C LYS A 10 -26.22 17.55 4.01
N PRO A 11 -27.45 17.59 4.54
CA PRO A 11 -27.58 17.50 6.00
C PRO A 11 -27.05 16.21 6.58
N PHE A 12 -27.12 15.10 5.82
CA PHE A 12 -26.50 13.87 6.25
C PHE A 12 -24.97 13.93 6.10
N CYS A 13 -24.48 14.73 5.15
CA CYS A 13 -23.04 14.89 5.00
C CYS A 13 -22.43 15.68 6.15
N VAL A 14 -23.11 16.73 6.61
CA VAL A 14 -22.53 17.62 7.60
C VAL A 14 -22.42 17.01 8.99
N ILE A 15 -23.09 15.88 9.24
CA ILE A 15 -23.07 15.31 10.59
C ILE A 15 -21.69 14.78 10.94
N LEU A 16 -20.96 14.24 9.96
CA LEU A 16 -19.67 13.64 10.24
C LEU A 16 -18.64 14.72 10.60
N PRO A 17 -17.71 14.40 11.50
CA PRO A 17 -16.67 15.39 11.85
C PRO A 17 -15.74 15.64 10.69
N GLU A 18 -15.19 16.85 10.66
CA GLU A 18 -14.24 17.27 9.64
C GLU A 18 -13.03 17.89 10.30
N ILE A 19 -11.87 17.68 9.70
CA ILE A 19 -10.63 18.24 10.22
C ILE A 19 -10.58 19.73 9.91
N GLN A 20 -10.21 20.52 10.91
CA GLN A 20 -10.09 21.96 10.72
C GLN A 20 -8.95 22.27 9.75
N LYS A 21 -9.26 23.09 8.75
CA LYS A 21 -8.23 23.48 7.80
C LYS A 21 -7.18 24.33 8.53
N PRO A 22 -5.90 24.02 8.39
CA PRO A 22 -4.88 24.74 9.16
C PRO A 22 -4.87 26.23 8.88
N GLU A 23 -4.65 27.02 9.93
CA GLU A 23 -4.53 28.46 9.76
C GLU A 23 -3.24 28.82 9.00
N ARG A 24 -2.14 28.16 9.34
CA ARG A 24 -0.86 28.41 8.70
C ARG A 24 -0.29 27.09 8.19
N LYS A 25 0.46 27.18 7.09
CA LYS A 25 1.07 25.99 6.50
C LYS A 25 2.01 25.34 7.51
N ILE A 26 1.92 24.01 7.61
CA ILE A 26 2.69 23.26 8.60
C ILE A 26 4.06 22.93 8.02
N GLN A 27 5.11 23.16 8.81
CA GLN A 27 6.46 22.90 8.37
C GLN A 27 6.73 21.40 8.29
N PHE A 28 7.82 21.03 7.63
CA PHE A 28 8.08 19.62 7.34
C PHE A 28 8.37 18.82 8.60
N LYS A 29 9.08 19.41 9.57
CA LYS A 29 9.46 18.66 10.76
C LYS A 29 8.23 18.21 11.55
N GLU A 30 7.32 19.15 11.84
CA GLU A 30 6.11 18.78 12.55
C GLU A 30 5.08 18.09 11.67
N LYS A 31 5.19 18.23 10.34
CA LYS A 31 4.43 17.33 9.46
C LYS A 31 4.88 15.88 9.65
N VAL A 32 6.20 15.66 9.74
CA VAL A 32 6.72 14.33 10.01
C VAL A 32 6.26 13.85 11.38
N LEU A 33 6.25 14.75 12.36
CA LEU A 33 5.79 14.37 13.69
C LEU A 33 4.33 13.95 13.70
N TRP A 34 3.47 14.70 13.01
CA TRP A 34 2.06 14.34 12.94
C TRP A 34 1.85 13.05 12.15
N THR A 35 2.62 12.85 11.09
CA THR A 35 2.55 11.60 10.35
C THR A 35 2.96 10.42 11.23
N ALA A 36 4.00 10.62 12.04
CA ALA A 36 4.44 9.57 12.96
C ALA A 36 3.37 9.27 14.00
N ILE A 37 2.71 10.30 14.52
CA ILE A 37 1.63 10.07 15.49
C ILE A 37 0.48 9.32 14.84
N THR A 38 0.12 9.69 13.61
CA THR A 38 -0.97 9.02 12.91
C THR A 38 -0.64 7.55 12.67
N LEU A 39 0.56 7.27 12.19
CA LEU A 39 0.93 5.89 11.95
C LEU A 39 1.06 5.11 13.26
N PHE A 40 1.48 5.77 14.34
CA PHE A 40 1.50 5.13 15.64
C PHE A 40 0.10 4.73 16.09
N ILE A 41 -0.87 5.63 15.92
CA ILE A 41 -2.25 5.30 16.26
C ILE A 41 -2.75 4.14 15.43
N PHE A 42 -2.47 4.17 14.13
CA PHE A 42 -2.91 3.09 13.26
C PHE A 42 -2.28 1.75 13.66
N LEU A 43 -0.98 1.76 13.98
CA LEU A 43 -0.31 0.54 14.39
C LEU A 43 -0.85 0.02 15.71
N VAL A 44 -1.10 0.91 16.67
CA VAL A 44 -1.65 0.49 17.96
C VAL A 44 -3.02 -0.15 17.77
N CYS A 45 -3.85 0.45 16.91
CA CYS A 45 -5.15 -0.13 16.62
C CYS A 45 -5.02 -1.46 15.88
N CYS A 46 -3.96 -1.63 15.09
CA CYS A 46 -3.74 -2.89 14.38
C CYS A 46 -3.42 -4.03 15.33
N GLN A 47 -3.02 -3.75 16.56
CA GLN A 47 -2.67 -4.80 17.51
C GLN A 47 -3.80 -5.15 18.46
N ILE A 48 -4.80 -4.29 18.61
CA ILE A 48 -5.87 -4.52 19.58
C ILE A 48 -6.95 -5.39 18.95
N PRO A 49 -7.18 -6.61 19.45
CA PRO A 49 -8.21 -7.47 18.88
C PRO A 49 -9.61 -6.94 19.19
N LEU A 50 -10.55 -7.30 18.33
CA LEU A 50 -11.94 -6.97 18.56
C LEU A 50 -12.48 -7.71 19.77
N PHE A 51 -13.49 -7.12 20.41
CA PHE A 51 -14.14 -7.73 21.55
C PHE A 51 -15.40 -8.45 21.10
N GLY A 52 -15.56 -9.69 21.52
CA GLY A 52 -16.68 -10.52 21.14
C GLY A 52 -16.34 -11.67 20.22
N ILE A 53 -15.11 -11.74 19.70
CA ILE A 53 -14.72 -12.82 18.79
C ILE A 53 -14.62 -14.12 19.58
N MET A 54 -15.27 -15.17 19.07
CA MET A 54 -15.12 -16.49 19.67
C MET A 54 -14.10 -17.36 18.96
N SER A 55 -13.90 -17.16 17.66
CA SER A 55 -13.04 -18.03 16.87
C SER A 55 -12.53 -17.27 15.67
N SER A 56 -11.21 -17.16 15.54
CA SER A 56 -10.58 -16.59 14.37
C SER A 56 -10.14 -17.66 13.38
N ASP A 57 -10.64 -18.89 13.52
CA ASP A 57 -10.30 -20.01 12.66
C ASP A 57 -11.34 -20.10 11.56
N SER A 58 -11.06 -19.48 10.44
CA SER A 58 -11.95 -19.50 9.28
C SER A 58 -11.09 -19.46 8.02
N ALA A 59 -11.72 -19.17 6.88
CA ALA A 59 -11.01 -19.21 5.61
C ALA A 59 -10.18 -17.96 5.38
N ASP A 60 -10.80 -16.78 5.53
CA ASP A 60 -10.20 -15.50 5.19
C ASP A 60 -9.76 -15.49 3.73
N PRO A 61 -10.70 -15.46 2.79
CA PRO A 61 -10.32 -15.53 1.36
C PRO A 61 -9.49 -14.34 0.90
N PHE A 62 -9.50 -13.23 1.61
CA PHE A 62 -8.80 -12.02 1.20
C PHE A 62 -7.44 -11.90 1.87
N TYR A 63 -6.75 -13.03 2.07
CA TYR A 63 -5.42 -12.98 2.68
C TYR A 63 -4.43 -12.20 1.82
N TRP A 64 -4.60 -12.21 0.50
CA TRP A 64 -3.68 -11.46 -0.34
C TRP A 64 -4.04 -9.99 -0.45
N MET A 65 -5.23 -9.58 -0.04
CA MET A 65 -5.58 -8.17 0.06
C MET A 65 -5.26 -7.62 1.45
N ARG A 66 -4.04 -7.81 1.90
CA ARG A 66 -3.62 -7.32 3.20
C ARG A 66 -2.39 -6.42 3.13
N VAL A 67 -1.48 -6.67 2.20
CA VAL A 67 -0.37 -5.74 2.00
C VAL A 67 -0.87 -4.43 1.41
N ILE A 68 -1.77 -4.50 0.43
CA ILE A 68 -2.29 -3.30 -0.23
C ILE A 68 -3.53 -2.74 0.46
N LEU A 69 -4.01 -3.38 1.52
CA LEU A 69 -5.14 -2.87 2.28
C LEU A 69 -4.78 -2.45 3.69
N ALA A 70 -3.55 -2.71 4.13
CA ALA A 70 -3.11 -2.37 5.49
C ALA A 70 -4.04 -2.97 6.53
N SER A 71 -4.52 -4.17 6.26
CA SER A 71 -5.51 -4.83 7.09
C SER A 71 -4.86 -5.91 7.93
N ASN A 72 -5.30 -6.02 9.19
CA ASN A 72 -4.87 -7.07 10.09
C ASN A 72 -6.10 -7.79 10.60
N ARG A 73 -6.15 -9.10 10.41
CA ARG A 73 -7.37 -9.85 10.68
C ARG A 73 -7.60 -10.00 12.19
N GLY A 74 -8.86 -9.82 12.59
CA GLY A 74 -9.26 -10.02 13.96
C GLY A 74 -9.07 -8.84 14.88
N THR A 75 -8.46 -7.76 14.40
CA THR A 75 -8.15 -6.59 15.21
C THR A 75 -9.07 -5.44 14.81
N LEU A 76 -8.81 -4.26 15.38
CA LEU A 76 -9.63 -3.09 15.07
C LEU A 76 -9.48 -2.68 13.61
N MET A 77 -8.30 -2.90 13.03
CA MET A 77 -8.09 -2.67 11.60
C MET A 77 -8.37 -3.93 10.80
N GLU A 78 -9.56 -4.52 11.01
CA GLU A 78 -9.98 -5.65 10.20
C GLU A 78 -10.13 -5.24 8.74
N LEU A 79 -10.73 -4.07 8.51
CA LEU A 79 -10.98 -3.57 7.17
C LEU A 79 -9.81 -2.80 6.57
N GLY A 80 -8.85 -2.40 7.40
CA GLY A 80 -7.70 -1.68 6.90
C GLY A 80 -8.10 -0.35 6.30
N ILE A 81 -7.62 -0.10 5.08
CA ILE A 81 -7.93 1.13 4.36
C ILE A 81 -9.02 0.91 3.32
N SER A 82 -9.70 -0.25 3.36
CA SER A 82 -10.73 -0.54 2.37
C SER A 82 -11.82 0.53 2.30
N PRO A 83 -12.34 1.07 3.42
CA PRO A 83 -13.31 2.18 3.28
C PRO A 83 -12.79 3.36 2.48
N ILE A 84 -11.53 3.76 2.71
CA ILE A 84 -10.99 4.93 2.03
C ILE A 84 -10.88 4.67 0.54
N VAL A 85 -10.30 3.53 0.16
CA VAL A 85 -10.12 3.22 -1.25
C VAL A 85 -11.46 3.06 -1.93
N THR A 86 -12.40 2.36 -1.29
CA THR A 86 -13.72 2.16 -1.89
C THR A 86 -14.43 3.49 -2.10
N SER A 87 -14.40 4.37 -1.11
CA SER A 87 -15.04 5.68 -1.26
C SER A 87 -14.35 6.51 -2.33
N GLY A 88 -13.02 6.44 -2.40
CA GLY A 88 -12.30 7.20 -3.41
C GLY A 88 -12.66 6.78 -4.82
N LEU A 89 -12.64 5.47 -5.08
CA LEU A 89 -13.02 5.00 -6.41
C LEU A 89 -14.50 5.25 -6.70
N ILE A 90 -15.36 5.12 -5.69
CA ILE A 90 -16.78 5.41 -5.90
C ILE A 90 -16.97 6.86 -6.33
N MET A 91 -16.30 7.78 -5.63
CA MET A 91 -16.44 9.20 -5.96
C MET A 91 -15.83 9.52 -7.32
N GLN A 92 -14.68 8.92 -7.64
CA GLN A 92 -14.09 9.18 -8.95
C GLN A 92 -14.98 8.67 -10.07
N LEU A 93 -15.58 7.48 -9.90
CA LEU A 93 -16.50 6.97 -10.91
C LEU A 93 -17.76 7.83 -11.00
N LEU A 94 -18.27 8.32 -9.87
CA LEU A 94 -19.44 9.19 -9.91
C LEU A 94 -19.14 10.49 -10.63
N ALA A 95 -17.97 11.09 -10.37
CA ALA A 95 -17.60 12.32 -11.04
C ALA A 95 -17.39 12.09 -12.53
N GLY A 96 -16.73 10.98 -12.91
CA GLY A 96 -16.52 10.68 -14.31
C GLY A 96 -17.78 10.31 -15.05
N ALA A 97 -18.80 9.80 -14.36
CA ALA A 97 -20.08 9.49 -14.97
C ALA A 97 -21.09 10.62 -14.81
N LYS A 98 -20.68 11.75 -14.24
CA LYS A 98 -21.41 13.01 -14.26
C LYS A 98 -22.69 12.99 -13.42
N ILE A 99 -22.84 12.05 -12.50
CA ILE A 99 -23.94 12.14 -11.54
C ILE A 99 -23.74 13.32 -10.61
N ILE A 100 -22.51 13.52 -10.13
CA ILE A 100 -22.21 14.61 -9.21
C ILE A 100 -21.11 15.48 -9.82
N GLU A 101 -20.77 16.57 -9.13
CA GLU A 101 -19.75 17.50 -9.61
C GLU A 101 -18.82 17.85 -8.46
N VAL A 102 -17.51 17.66 -8.68
CA VAL A 102 -16.54 18.06 -7.66
C VAL A 102 -16.44 19.57 -7.57
N GLY A 103 -16.50 20.26 -8.72
CA GLY A 103 -16.49 21.71 -8.74
C GLY A 103 -15.14 22.30 -8.37
N ASP A 104 -15.16 23.63 -8.20
CA ASP A 104 -14.00 24.37 -7.76
C ASP A 104 -14.27 25.31 -6.59
N THR A 105 -15.51 25.67 -6.34
CA THR A 105 -15.84 26.51 -5.19
C THR A 105 -15.52 25.76 -3.91
N PRO A 106 -15.04 26.46 -2.87
CA PRO A 106 -14.77 25.76 -1.59
C PRO A 106 -15.98 25.00 -1.05
N LYS A 107 -17.20 25.54 -1.22
CA LYS A 107 -18.38 24.82 -0.77
C LYS A 107 -18.56 23.52 -1.54
N ASP A 108 -18.29 23.55 -2.86
CA ASP A 108 -18.46 22.35 -3.67
C ASP A 108 -17.53 21.23 -3.22
N ARG A 109 -16.25 21.55 -3.03
CA ARG A 109 -15.30 20.53 -2.60
C ARG A 109 -15.51 20.13 -1.14
N ALA A 110 -16.00 21.04 -0.31
CA ALA A 110 -16.35 20.67 1.06
C ALA A 110 -17.50 19.66 1.07
N LEU A 111 -18.53 19.90 0.25
CA LEU A 111 -19.61 18.94 0.13
C LEU A 111 -19.12 17.62 -0.46
N PHE A 112 -18.19 17.70 -1.41
CA PHE A 112 -17.59 16.49 -1.97
C PHE A 112 -16.89 15.68 -0.90
N ASN A 113 -16.10 16.34 -0.05
CA ASN A 113 -15.41 15.64 1.02
C ASN A 113 -16.39 15.06 2.03
N GLY A 114 -17.42 15.81 2.39
CA GLY A 114 -18.41 15.31 3.33
C GLY A 114 -19.14 14.08 2.80
N ALA A 115 -19.54 14.12 1.52
CA ALA A 115 -20.21 12.97 0.93
C ALA A 115 -19.26 11.79 0.74
N GLN A 116 -17.98 12.05 0.47
CA GLN A 116 -16.99 10.98 0.41
C GLN A 116 -16.85 10.31 1.76
N LYS A 117 -16.80 11.09 2.84
CA LYS A 117 -16.75 10.51 4.18
C LYS A 117 -18.02 9.72 4.47
N LEU A 118 -19.18 10.24 4.06
CA LEU A 118 -20.43 9.51 4.27
C LEU A 118 -20.45 8.18 3.55
N PHE A 119 -20.00 8.16 2.30
CA PHE A 119 -19.99 6.91 1.54
C PHE A 119 -18.94 5.95 2.08
N GLY A 120 -17.80 6.48 2.53
CA GLY A 120 -16.81 5.62 3.17
C GLY A 120 -17.36 4.98 4.44
N MET A 121 -18.14 5.74 5.21
CA MET A 121 -18.72 5.17 6.42
C MET A 121 -19.83 4.17 6.12
N ILE A 122 -20.60 4.41 5.05
CA ILE A 122 -21.58 3.43 4.61
C ILE A 122 -20.89 2.13 4.20
N ILE A 123 -19.80 2.24 3.45
CA ILE A 123 -19.03 1.06 3.07
C ILE A 123 -18.46 0.38 4.31
N THR A 124 -18.02 1.16 5.30
CA THR A 124 -17.49 0.59 6.53
C THR A 124 -18.56 -0.24 7.23
N ILE A 125 -19.78 0.31 7.35
CA ILE A 125 -20.86 -0.41 8.01
C ILE A 125 -21.22 -1.66 7.22
N GLY A 126 -21.27 -1.56 5.89
CA GLY A 126 -21.59 -2.73 5.08
C GLY A 126 -20.56 -3.83 5.23
N GLN A 127 -19.28 -3.47 5.20
CA GLN A 127 -18.22 -4.47 5.37
C GLN A 127 -18.27 -5.08 6.76
N SER A 128 -18.54 -4.27 7.79
CA SER A 128 -18.65 -4.81 9.14
C SER A 128 -19.80 -5.80 9.25
N ILE A 129 -20.96 -5.47 8.67
CA ILE A 129 -22.10 -6.36 8.70
C ILE A 129 -21.79 -7.66 7.95
N VAL A 130 -21.18 -7.55 6.78
CA VAL A 130 -20.83 -8.75 6.02
C VAL A 130 -19.86 -9.61 6.79
N TYR A 131 -18.86 -9.00 7.42
CA TYR A 131 -17.88 -9.76 8.20
C TYR A 131 -18.55 -10.47 9.37
N VAL A 132 -19.45 -9.79 10.07
CA VAL A 132 -20.09 -10.39 11.22
C VAL A 132 -21.01 -11.54 10.80
N MET A 133 -21.87 -11.32 9.81
CA MET A 133 -22.90 -12.30 9.50
C MET A 133 -22.38 -13.49 8.71
N THR A 134 -21.34 -13.32 7.89
CA THR A 134 -20.86 -14.41 7.04
C THR A 134 -20.02 -15.43 7.78
N GLY A 135 -20.09 -15.48 9.11
CA GLY A 135 -19.48 -16.54 9.88
C GLY A 135 -18.18 -16.18 10.56
N MET A 136 -17.54 -15.08 10.17
CA MET A 136 -16.32 -14.68 10.85
C MET A 136 -16.64 -14.20 12.26
N TYR A 137 -15.64 -14.26 13.12
CA TYR A 137 -15.71 -13.96 14.55
C TYR A 137 -16.55 -14.99 15.31
N GLY A 138 -16.96 -16.08 14.67
CA GLY A 138 -17.82 -17.07 15.28
C GLY A 138 -19.19 -17.08 14.64
N ASP A 139 -20.04 -17.94 15.19
CA ASP A 139 -21.40 -18.09 14.68
C ASP A 139 -22.22 -16.87 15.07
N PRO A 140 -22.78 -16.12 14.11
CA PRO A 140 -23.60 -14.95 14.48
C PRO A 140 -24.80 -15.31 15.35
N SER A 141 -25.38 -16.51 15.16
CA SER A 141 -26.44 -16.95 16.05
C SER A 141 -25.93 -17.15 17.47
N GLU A 142 -24.72 -17.70 17.61
CA GLU A 142 -24.18 -17.98 18.94
C GLU A 142 -23.74 -16.70 19.65
N MET A 143 -23.16 -15.74 18.92
CA MET A 143 -22.75 -14.49 19.55
C MET A 143 -23.94 -13.71 20.08
N GLY A 144 -25.03 -13.68 19.33
CA GLY A 144 -26.20 -12.92 19.74
C GLY A 144 -26.18 -11.49 19.20
N ALA A 145 -27.33 -10.83 19.33
CA ALA A 145 -27.46 -9.48 18.82
C ALA A 145 -26.51 -8.53 19.52
N GLY A 146 -26.35 -8.68 20.84
CA GLY A 146 -25.50 -7.76 21.58
C GLY A 146 -24.05 -7.83 21.16
N ILE A 147 -23.51 -9.05 21.03
CA ILE A 147 -22.10 -9.20 20.65
C ILE A 147 -21.89 -8.79 19.21
N CYS A 148 -22.80 -9.17 18.31
CA CYS A 148 -22.67 -8.77 16.91
C CYS A 148 -22.76 -7.26 16.77
N LEU A 149 -23.70 -6.62 17.47
CA LEU A 149 -23.81 -5.18 17.43
C LEU A 149 -22.58 -4.50 18.01
N LEU A 150 -22.03 -5.06 19.08
CA LEU A 150 -20.82 -4.50 19.67
C LEU A 150 -19.64 -4.58 18.70
N ILE A 151 -19.49 -5.72 18.01
CA ILE A 151 -18.41 -5.86 17.04
C ILE A 151 -18.61 -4.89 15.88
N THR A 152 -19.85 -4.74 15.41
CA THR A 152 -20.13 -3.81 14.33
C THR A 152 -19.81 -2.37 14.76
N ILE A 153 -20.15 -2.02 15.99
CA ILE A 153 -19.84 -0.68 16.50
C ILE A 153 -18.33 -0.47 16.59
N GLN A 154 -17.60 -1.48 17.06
CA GLN A 154 -16.14 -1.36 17.14
C GLN A 154 -15.54 -1.14 15.76
N LEU A 155 -15.99 -1.92 14.77
CA LEU A 155 -15.47 -1.76 13.41
C LEU A 155 -15.87 -0.41 12.83
N PHE A 156 -17.09 0.05 13.14
CA PHE A 156 -17.56 1.34 12.67
C PHE A 156 -16.70 2.47 13.19
N VAL A 157 -16.42 2.46 14.50
CA VAL A 157 -15.62 3.53 15.10
C VAL A 157 -14.17 3.43 14.62
N ALA A 158 -13.66 2.21 14.43
CA ALA A 158 -12.32 2.07 13.88
C ALA A 158 -12.22 2.65 12.48
N GLY A 159 -13.23 2.38 11.65
CA GLY A 159 -13.25 3.00 10.33
C GLY A 159 -13.37 4.51 10.39
N LEU A 160 -14.17 5.01 11.33
CA LEU A 160 -14.25 6.46 11.53
C LEU A 160 -12.89 7.03 11.88
N ILE A 161 -12.13 6.33 12.71
CA ILE A 161 -10.79 6.78 13.06
C ILE A 161 -9.88 6.75 11.84
N VAL A 162 -10.02 5.72 10.99
CA VAL A 162 -9.17 5.63 9.80
C VAL A 162 -9.45 6.81 8.87
N LEU A 163 -10.73 7.10 8.62
CA LEU A 163 -11.07 8.26 7.79
C LEU A 163 -10.61 9.57 8.44
N LEU A 164 -10.76 9.70 9.75
CA LEU A 164 -10.32 10.93 10.41
C LEU A 164 -8.82 11.11 10.30
N LEU A 165 -8.05 10.02 10.46
CA LEU A 165 -6.60 10.10 10.35
C LEU A 165 -6.17 10.41 8.92
N ASP A 166 -6.83 9.79 7.93
CA ASP A 166 -6.52 10.09 6.54
C ASP A 166 -6.82 11.56 6.22
N GLU A 167 -7.96 12.06 6.71
CA GLU A 167 -8.29 13.47 6.50
C GLU A 167 -7.30 14.38 7.20
N LEU A 168 -6.84 13.98 8.39
CA LEU A 168 -5.81 14.74 9.09
C LEU A 168 -4.54 14.83 8.25
N LEU A 169 -4.14 13.72 7.63
CA LEU A 169 -2.97 13.74 6.77
C LEU A 169 -3.20 14.61 5.54
N GLN A 170 -4.40 14.55 4.95
CA GLN A 170 -4.65 15.23 3.68
C GLN A 170 -4.87 16.73 3.84
N LYS A 171 -5.41 17.18 4.99
CA LYS A 171 -5.68 18.60 5.15
C LYS A 171 -4.42 19.43 5.33
N GLY A 172 -3.27 18.80 5.56
CA GLY A 172 -2.03 19.53 5.62
C GLY A 172 -1.19 19.25 6.86
N TYR A 173 -1.68 18.36 7.72
CA TYR A 173 -0.95 18.00 8.92
C TYR A 173 0.04 16.86 8.69
N GLY A 174 -0.21 16.03 7.68
CA GLY A 174 0.65 14.89 7.43
C GLY A 174 1.41 15.00 6.12
N LEU A 175 2.10 13.93 5.74
CA LEU A 175 2.97 13.92 4.57
C LEU A 175 2.33 13.28 3.35
N GLY A 176 1.02 13.05 3.37
CA GLY A 176 0.36 12.46 2.22
C GLY A 176 -1.06 12.01 2.52
N SER A 177 -1.37 10.78 2.15
CA SER A 177 -2.68 10.20 2.37
C SER A 177 -2.57 9.02 3.31
N GLY A 178 -3.71 8.63 3.90
CA GLY A 178 -3.71 7.48 4.79
C GLY A 178 -3.38 6.19 4.08
N ILE A 179 -3.82 6.05 2.83
CA ILE A 179 -3.62 4.81 2.08
C ILE A 179 -2.13 4.48 2.00
N SER A 180 -1.35 5.40 1.42
CA SER A 180 0.08 5.15 1.22
C SER A 180 0.80 4.97 2.54
N LEU A 181 0.50 5.84 3.51
CA LEU A 181 1.20 5.77 4.80
C LEU A 181 0.95 4.44 5.48
N PHE A 182 -0.31 3.99 5.50
CA PHE A 182 -0.63 2.75 6.20
C PHE A 182 -0.07 1.53 5.47
N ILE A 183 -0.12 1.53 4.14
CA ILE A 183 0.46 0.43 3.38
C ILE A 183 1.96 0.32 3.63
N ALA A 184 2.66 1.44 3.49
CA ALA A 184 4.11 1.44 3.70
C ALA A 184 4.46 1.08 5.13
N THR A 185 3.65 1.56 6.09
CA THR A 185 3.91 1.25 7.49
C THR A 185 3.77 -0.23 7.76
N ASN A 186 2.72 -0.87 7.21
CA ASN A 186 2.56 -2.29 7.39
C ASN A 186 3.71 -3.07 6.76
N ILE A 187 4.15 -2.66 5.57
CA ILE A 187 5.24 -3.36 4.90
C ILE A 187 6.54 -3.24 5.71
N CYS A 188 6.84 -2.02 6.15
CA CYS A 188 8.06 -1.80 6.92
C CYS A 188 8.02 -2.53 8.25
N GLU A 189 6.84 -2.55 8.89
CA GLU A 189 6.68 -3.31 10.13
C GLU A 189 6.92 -4.79 9.89
N THR A 190 6.40 -5.34 8.80
CA THR A 190 6.61 -6.74 8.48
C THR A 190 8.10 -7.05 8.28
N ILE A 191 8.79 -6.19 7.54
CA ILE A 191 10.21 -6.42 7.26
C ILE A 191 11.02 -6.34 8.55
N VAL A 192 10.77 -5.32 9.37
CA VAL A 192 11.53 -5.16 10.60
C VAL A 192 11.20 -6.29 11.58
N TRP A 193 9.96 -6.77 11.61
CA TRP A 193 9.64 -7.91 12.45
C TRP A 193 10.40 -9.15 12.00
N LYS A 194 10.37 -9.45 10.71
CA LYS A 194 11.11 -10.61 10.23
C LYS A 194 12.62 -10.43 10.35
N ALA A 195 13.10 -9.22 10.57
CA ALA A 195 14.52 -9.01 10.82
C ALA A 195 14.90 -9.12 12.30
N PHE A 196 14.05 -8.65 13.20
CA PHE A 196 14.44 -8.47 14.60
C PHE A 196 13.44 -9.08 15.59
N SER A 197 12.63 -10.04 15.17
CA SER A 197 11.62 -10.59 16.07
C SER A 197 12.26 -11.39 17.19
N PRO A 198 11.82 -11.22 18.44
CA PRO A 198 12.25 -12.11 19.52
C PRO A 198 11.46 -13.40 19.61
N THR A 199 10.42 -13.55 18.79
CA THR A 199 9.62 -14.78 18.81
C THR A 199 10.50 -15.99 18.51
N THR A 200 10.29 -17.05 19.27
CA THR A 200 11.09 -18.26 19.15
C THR A 200 10.19 -19.45 18.87
N VAL A 201 10.67 -20.38 18.05
CA VAL A 201 9.96 -21.61 17.75
C VAL A 201 10.94 -22.77 17.87
N ASN A 202 10.51 -23.83 18.54
CA ASN A 202 11.35 -25.01 18.77
C ASN A 202 10.79 -26.18 17.96
N THR A 203 11.66 -26.80 17.16
CA THR A 203 11.30 -27.94 16.34
C THR A 203 12.22 -29.13 16.63
N GLY A 204 12.63 -29.28 17.89
CA GLY A 204 13.49 -30.36 18.30
C GLY A 204 14.97 -30.01 18.30
N ARG A 205 15.35 -28.89 17.72
CA ARG A 205 16.75 -28.46 17.67
C ARG A 205 16.99 -27.24 18.55
N GLY A 206 16.26 -27.13 19.65
CA GLY A 206 16.45 -26.05 20.59
C GLY A 206 15.73 -24.77 20.19
N MET A 207 15.95 -23.73 20.99
CA MET A 207 15.37 -22.43 20.73
C MET A 207 15.94 -21.85 19.44
N GLU A 208 15.06 -21.21 18.66
CA GLU A 208 15.45 -20.68 17.35
C GLU A 208 14.64 -19.41 17.11
N PHE A 209 15.32 -18.26 17.09
CA PHE A 209 14.62 -16.99 16.95
C PHE A 209 14.04 -16.81 15.54
N GLU A 210 12.89 -16.15 15.48
CA GLU A 210 12.20 -15.94 14.21
C GLU A 210 12.78 -14.79 13.42
N GLY A 211 13.49 -13.87 14.08
CA GLY A 211 14.15 -12.76 13.40
C GLY A 211 15.54 -13.15 12.93
N ALA A 212 15.93 -12.63 11.76
CA ALA A 212 17.16 -13.06 11.12
C ALA A 212 18.40 -12.64 11.92
N ILE A 213 18.50 -11.37 12.28
CA ILE A 213 19.68 -10.89 12.99
C ILE A 213 19.74 -11.49 14.40
N ILE A 214 18.61 -11.57 15.08
CA ILE A 214 18.58 -12.15 16.40
C ILE A 214 18.98 -13.63 16.33
N ALA A 215 18.51 -14.34 15.30
CA ALA A 215 18.91 -15.72 15.11
C ALA A 215 20.41 -15.82 14.84
N LEU A 216 20.95 -14.91 14.03
CA LEU A 216 22.39 -14.89 13.80
C LEU A 216 23.17 -14.78 15.10
N PHE A 217 22.81 -13.80 15.92
CA PHE A 217 23.53 -13.59 17.16
C PHE A 217 23.36 -14.77 18.12
N HIS A 218 22.14 -15.30 18.23
CA HIS A 218 21.89 -16.44 19.10
C HIS A 218 22.70 -17.66 18.67
N LEU A 219 22.71 -17.95 17.37
CA LEU A 219 23.46 -19.11 16.88
C LEU A 219 24.95 -18.93 17.09
N LEU A 220 25.47 -17.74 16.76
CA LEU A 220 26.90 -17.50 16.93
C LEU A 220 27.33 -17.59 18.38
N ALA A 221 26.47 -17.15 19.30
CA ALA A 221 26.81 -17.24 20.72
C ALA A 221 26.68 -18.67 21.23
N THR A 222 25.70 -19.43 20.73
CA THR A 222 25.38 -20.72 21.31
C THR A 222 26.21 -21.85 20.69
N ARG A 223 26.10 -22.04 19.38
CA ARG A 223 26.63 -23.24 18.73
C ARG A 223 28.12 -23.10 18.41
N THR A 224 28.89 -22.85 19.47
CA THR A 224 30.36 -22.86 19.44
C THR A 224 30.93 -21.92 18.38
N ASP A 225 30.15 -20.92 17.95
CA ASP A 225 30.58 -19.97 16.92
C ASP A 225 31.09 -20.70 15.68
N LYS A 226 30.33 -21.70 15.24
CA LYS A 226 30.73 -22.58 14.16
C LYS A 226 30.32 -21.99 12.81
N VAL A 227 31.04 -22.42 11.76
CA VAL A 227 30.68 -22.03 10.40
C VAL A 227 29.29 -22.55 10.04
N ARG A 228 28.90 -23.70 10.61
CA ARG A 228 27.55 -24.22 10.39
C ARG A 228 26.50 -23.25 10.89
N ALA A 229 26.79 -22.52 11.97
CA ALA A 229 25.84 -21.52 12.47
C ALA A 229 25.61 -20.42 11.46
N LEU A 230 26.69 -19.91 10.85
CA LEU A 230 26.55 -18.89 9.81
C LEU A 230 25.82 -19.44 8.59
N ARG A 231 26.16 -20.66 8.18
CA ARG A 231 25.49 -21.26 7.03
C ARG A 231 24.00 -21.39 7.27
N GLU A 232 23.60 -21.83 8.47
CA GLU A 232 22.18 -21.96 8.77
C GLU A 232 21.52 -20.59 8.85
N ALA A 233 22.17 -19.61 9.49
CA ALA A 233 21.58 -18.29 9.62
C ALA A 233 21.40 -17.62 8.27
N PHE A 234 22.22 -17.99 7.29
CA PHE A 234 22.08 -17.41 5.95
C PHE A 234 21.17 -18.21 5.03
N TYR A 235 21.07 -19.52 5.22
CA TYR A 235 20.28 -20.39 4.35
C TYR A 235 19.21 -21.14 5.12
N ARG A 236 18.67 -20.53 6.16
CA ARG A 236 17.59 -21.14 6.93
C ARG A 236 16.30 -21.18 6.13
N GLN A 237 15.59 -22.30 6.19
CA GLN A 237 14.40 -22.48 5.38
C GLN A 237 13.09 -22.32 6.13
N ASN A 238 13.04 -22.68 7.41
CA ASN A 238 11.79 -22.60 8.17
C ASN A 238 11.51 -21.20 8.70
N LEU A 239 12.47 -20.29 8.66
CA LEU A 239 12.30 -18.97 9.24
C LEU A 239 12.98 -17.93 8.34
N PRO A 240 12.79 -16.63 8.59
CA PRO A 240 13.45 -15.61 7.77
C PRO A 240 14.97 -15.77 7.74
N ASN A 241 15.55 -15.45 6.60
CA ASN A 241 16.96 -15.64 6.33
C ASN A 241 17.73 -14.33 6.48
N LEU A 242 19.05 -14.45 6.44
CA LEU A 242 19.91 -13.29 6.22
C LEU A 242 20.11 -13.01 4.75
N MET A 243 20.13 -14.05 3.91
CA MET A 243 20.16 -13.83 2.46
C MET A 243 18.89 -13.17 1.97
N ASN A 244 17.75 -13.48 2.59
CA ASN A 244 16.51 -12.78 2.25
C ASN A 244 16.59 -11.30 2.59
N LEU A 245 17.21 -10.93 3.71
CA LEU A 245 17.38 -9.52 4.03
C LEU A 245 18.42 -8.85 3.16
N ILE A 246 19.48 -9.56 2.77
CA ILE A 246 20.44 -9.01 1.83
C ILE A 246 19.78 -8.74 0.49
N ALA A 247 18.94 -9.67 0.02
CA ALA A 247 18.19 -9.46 -1.20
C ALA A 247 17.11 -8.39 -1.06
N THR A 248 16.58 -8.18 0.15
CA THR A 248 15.67 -7.06 0.39
C THR A 248 16.39 -5.73 0.27
N ILE A 249 17.57 -5.63 0.85
CA ILE A 249 18.37 -4.40 0.74
C ILE A 249 18.79 -4.16 -0.71
N PHE A 250 19.15 -5.23 -1.43
CA PHE A 250 19.53 -5.07 -2.83
C PHE A 250 18.36 -4.58 -3.68
N VAL A 251 17.17 -5.13 -3.46
CA VAL A 251 16.00 -4.65 -4.20
C VAL A 251 15.65 -3.23 -3.81
N PHE A 252 15.80 -2.89 -2.52
CA PHE A 252 15.63 -1.50 -2.10
C PHE A 252 16.55 -0.57 -2.88
N ALA A 253 17.82 -0.94 -2.98
CA ALA A 253 18.79 -0.09 -3.69
C ALA A 253 18.43 0.03 -5.18
N VAL A 254 18.05 -1.09 -5.81
CA VAL A 254 17.76 -1.05 -7.24
C VAL A 254 16.49 -0.25 -7.52
N VAL A 255 15.47 -0.42 -6.68
CA VAL A 255 14.23 0.33 -6.86
C VAL A 255 14.47 1.80 -6.61
N ILE A 256 15.35 2.14 -5.66
CA ILE A 256 15.72 3.54 -5.44
C ILE A 256 16.39 4.11 -6.68
N TYR A 257 17.33 3.36 -7.24
CA TYR A 257 18.04 3.81 -8.43
C TYR A 257 17.08 4.08 -9.58
N PHE A 258 16.16 3.15 -9.83
CA PHE A 258 15.22 3.32 -10.93
C PHE A 258 14.11 4.32 -10.62
N GLN A 259 13.85 4.58 -9.33
CA GLN A 259 12.91 5.63 -8.95
C GLN A 259 13.53 7.00 -9.15
N GLY A 260 14.86 7.09 -9.10
CA GLY A 260 15.51 8.35 -9.39
C GLY A 260 15.56 8.74 -10.86
N PHE A 261 15.18 7.84 -11.76
CA PHE A 261 15.17 8.18 -13.18
C PHE A 261 14.07 9.18 -13.49
N ARG A 262 14.38 10.14 -14.36
CA ARG A 262 13.39 11.09 -14.83
C ARG A 262 13.85 11.65 -16.16
N TYR A 263 12.88 12.06 -16.97
CA TYR A 263 13.14 12.77 -18.22
C TYR A 263 12.86 14.25 -17.96
N GLU A 264 13.92 15.06 -17.98
CA GLU A 264 13.81 16.47 -17.61
C GLU A 264 13.54 17.29 -18.87
N LEU A 265 12.30 17.72 -19.03
CA LEU A 265 11.94 18.58 -20.16
C LEU A 265 12.27 20.03 -19.84
N PRO A 266 13.11 20.69 -20.63
CA PRO A 266 13.34 22.13 -20.42
C PRO A 266 12.14 22.94 -20.89
N ILE A 267 11.42 23.55 -19.96
CA ILE A 267 10.23 24.33 -20.27
C ILE A 267 10.46 25.77 -19.87
N ARG A 268 10.01 26.69 -20.72
CA ARG A 268 9.97 28.11 -20.42
C ARG A 268 8.52 28.56 -20.38
N SER A 269 8.30 29.84 -20.10
CA SER A 269 6.97 30.40 -19.97
C SER A 269 6.75 31.47 -21.03
N THR A 270 5.63 31.38 -21.74
CA THR A 270 5.22 32.39 -22.71
C THR A 270 4.22 33.38 -22.13
N LYS A 271 3.93 33.29 -20.83
CA LYS A 271 3.08 34.25 -20.14
C LYS A 271 3.87 35.13 -19.20
N VAL A 272 4.62 34.53 -18.28
CA VAL A 272 5.51 35.26 -17.39
C VAL A 272 6.94 35.03 -17.85
N ARG A 273 7.45 35.92 -18.70
CA ARG A 273 8.75 35.72 -19.30
C ARG A 273 9.84 35.67 -18.25
N GLY A 274 10.79 34.74 -18.43
CA GLY A 274 11.86 34.54 -17.49
C GLY A 274 11.68 33.38 -16.54
N GLN A 275 10.60 32.62 -16.68
CA GLN A 275 10.33 31.48 -15.80
C GLN A 275 10.85 30.18 -16.41
N ILE A 276 12.16 30.15 -16.66
CA ILE A 276 12.78 28.92 -17.13
C ILE A 276 12.66 27.86 -16.06
N GLY A 277 12.40 26.62 -16.48
CA GLY A 277 12.20 25.56 -15.53
C GLY A 277 12.37 24.20 -16.16
N ILE A 278 12.08 23.17 -15.37
CA ILE A 278 12.22 21.77 -15.77
C ILE A 278 10.93 21.04 -15.42
N TYR A 279 10.44 20.23 -16.35
CA TYR A 279 9.29 19.36 -16.10
C TYR A 279 9.78 17.92 -15.99
N PRO A 280 9.89 17.36 -14.80
CA PRO A 280 10.37 15.98 -14.66
C PRO A 280 9.28 14.99 -15.03
N ILE A 281 9.55 14.18 -16.06
CA ILE A 281 8.70 13.06 -16.43
C ILE A 281 9.40 11.81 -15.91
N LYS A 282 8.94 11.30 -14.77
CA LYS A 282 9.57 10.16 -14.14
C LYS A 282 9.41 8.90 -14.97
N LEU A 283 10.44 8.05 -14.94
CA LEU A 283 10.31 6.73 -15.55
C LEU A 283 9.21 5.94 -14.86
N PHE A 284 9.17 5.98 -13.54
CA PHE A 284 8.05 5.43 -12.76
C PHE A 284 6.92 6.46 -12.78
N TYR A 285 6.36 6.68 -13.98
CA TYR A 285 5.38 7.73 -14.19
C TYR A 285 4.18 7.55 -13.28
N THR A 286 3.57 6.37 -13.33
CA THR A 286 2.60 5.94 -12.32
C THR A 286 3.39 5.23 -11.23
N SER A 287 3.54 5.89 -10.08
CA SER A 287 4.53 5.50 -9.08
C SER A 287 4.37 4.06 -8.64
N ASN A 288 3.26 3.73 -7.97
CA ASN A 288 2.99 2.38 -7.53
C ASN A 288 1.57 1.94 -7.85
N ILE A 289 0.82 2.75 -8.60
CA ILE A 289 -0.54 2.36 -8.99
C ILE A 289 -0.55 1.05 -9.77
N PRO A 290 0.40 0.77 -10.68
CA PRO A 290 0.43 -0.58 -11.27
C PRO A 290 0.52 -1.70 -10.25
N ILE A 291 1.32 -1.53 -9.20
CA ILE A 291 1.39 -2.55 -8.15
C ILE A 291 0.05 -2.71 -7.45
N ILE A 292 -0.58 -1.60 -7.05
CA ILE A 292 -1.84 -1.70 -6.33
C ILE A 292 -2.90 -2.35 -7.20
N LEU A 293 -3.01 -1.92 -8.45
CA LEU A 293 -4.03 -2.45 -9.35
C LEU A 293 -3.77 -3.92 -9.68
N GLN A 294 -2.52 -4.29 -9.96
CA GLN A 294 -2.20 -5.67 -10.29
C GLN A 294 -2.43 -6.59 -9.09
N SER A 295 -2.03 -6.16 -7.90
CA SER A 295 -2.30 -6.95 -6.70
C SER A 295 -3.78 -7.08 -6.44
N ALA A 296 -4.54 -6.00 -6.60
CA ALA A 296 -5.98 -6.07 -6.41
C ALA A 296 -6.63 -7.00 -7.41
N LEU A 297 -6.21 -6.94 -8.68
CA LEU A 297 -6.78 -7.82 -9.70
C LEU A 297 -6.48 -9.28 -9.39
N VAL A 298 -5.21 -9.59 -9.07
CA VAL A 298 -4.83 -10.97 -8.79
C VAL A 298 -5.56 -11.49 -7.56
N SER A 299 -5.66 -10.66 -6.51
CA SER A 299 -6.30 -11.11 -5.28
C SER A 299 -7.80 -11.27 -5.45
N ASN A 300 -8.44 -10.38 -6.22
CA ASN A 300 -9.86 -10.54 -6.52
C ASN A 300 -10.10 -11.80 -7.32
N LEU A 301 -9.21 -12.10 -8.28
CA LEU A 301 -9.34 -13.34 -9.04
C LEU A 301 -9.17 -14.55 -8.12
N TYR A 302 -8.25 -14.45 -7.16
CA TYR A 302 -8.07 -15.53 -6.18
C TYR A 302 -9.33 -15.73 -5.36
N VAL A 303 -9.95 -14.64 -4.92
CA VAL A 303 -11.18 -14.74 -4.13
C VAL A 303 -12.29 -15.37 -4.96
N ILE A 304 -12.42 -14.95 -6.22
CA ILE A 304 -13.44 -15.54 -7.09
C ILE A 304 -13.20 -17.03 -7.28
N SER A 305 -11.93 -17.41 -7.50
CA SER A 305 -11.61 -18.82 -7.69
C SER A 305 -11.91 -19.63 -6.44
N GLN A 306 -11.56 -19.10 -5.26
CA GLN A 306 -11.87 -19.82 -4.03
C GLN A 306 -13.37 -19.97 -3.83
N MET A 307 -14.14 -18.91 -4.09
CA MET A 307 -15.58 -19.00 -3.95
C MET A 307 -16.18 -20.01 -4.92
N LEU A 308 -15.72 -20.02 -6.16
CA LEU A 308 -16.24 -20.97 -7.14
C LEU A 308 -15.85 -22.41 -6.79
N SER A 309 -14.61 -22.62 -6.36
CA SER A 309 -14.17 -23.98 -6.03
C SER A 309 -14.87 -24.50 -4.79
N ALA A 310 -15.10 -23.64 -3.79
CA ALA A 310 -15.76 -24.08 -2.58
C ALA A 310 -17.18 -24.54 -2.86
N ARG A 311 -17.92 -23.77 -3.65
CA ARG A 311 -19.32 -24.12 -3.98
C ARG A 311 -19.37 -25.07 -5.17
N PHE A 312 -18.96 -24.58 -6.34
CA PHE A 312 -19.12 -25.32 -7.59
C PHE A 312 -17.84 -26.06 -7.96
N SER A 313 -17.47 -27.02 -7.12
CA SER A 313 -16.27 -27.80 -7.38
C SER A 313 -16.54 -28.84 -8.47
N GLY A 314 -15.46 -29.33 -9.07
CA GLY A 314 -15.52 -30.36 -10.08
C GLY A 314 -15.68 -29.86 -11.50
N ASN A 315 -16.28 -28.69 -11.70
CA ASN A 315 -16.49 -28.17 -13.04
C ASN A 315 -15.15 -27.88 -13.70
N LEU A 316 -15.09 -28.11 -15.02
CA LEU A 316 -13.85 -27.89 -15.75
C LEU A 316 -13.45 -26.42 -15.76
N LEU A 317 -14.43 -25.52 -15.94
CA LEU A 317 -14.12 -24.09 -15.96
C LEU A 317 -13.58 -23.63 -14.61
N VAL A 318 -14.18 -24.10 -13.52
CA VAL A 318 -13.70 -23.73 -12.18
C VAL A 318 -12.29 -24.26 -11.95
N SER A 319 -12.02 -25.49 -12.40
CA SER A 319 -10.68 -26.05 -12.24
C SER A 319 -9.65 -25.28 -13.06
N LEU A 320 -10.01 -24.86 -14.28
CA LEU A 320 -9.09 -24.07 -15.08
C LEU A 320 -8.85 -22.70 -14.45
N LEU A 321 -9.88 -22.10 -13.87
CA LEU A 321 -9.71 -20.80 -13.23
C LEU A 321 -8.74 -20.89 -12.05
N GLY A 322 -8.79 -22.00 -11.31
CA GLY A 322 -7.85 -22.20 -10.23
C GLY A 322 -8.10 -23.46 -9.44
N THR A 323 -7.02 -24.11 -9.00
CA THR A 323 -7.08 -25.29 -8.15
C THR A 323 -6.35 -24.98 -6.85
N TRP A 324 -7.04 -25.18 -5.73
CA TRP A 324 -6.50 -24.82 -4.42
C TRP A 324 -6.32 -26.06 -3.55
N SER A 325 -5.41 -25.94 -2.60
CA SER A 325 -5.11 -27.05 -1.70
C SER A 325 -4.79 -26.53 -0.29
N ARG A 334 -6.06 -22.19 5.59
CA ARG A 334 -4.97 -21.83 4.70
C ARG A 334 -5.12 -22.50 3.34
N ALA A 335 -4.75 -21.78 2.29
CA ALA A 335 -4.84 -22.31 0.94
C ALA A 335 -3.83 -21.60 0.05
N TYR A 336 -3.51 -22.23 -1.08
CA TYR A 336 -2.58 -21.64 -2.04
C TYR A 336 -2.84 -22.28 -3.39
N PRO A 337 -2.78 -21.51 -4.49
CA PRO A 337 -3.07 -22.08 -5.80
C PRO A 337 -2.09 -23.18 -6.16
N VAL A 338 -2.60 -24.21 -6.84
CA VAL A 338 -1.79 -25.37 -7.21
C VAL A 338 -1.84 -25.56 -8.73
N GLY A 339 -2.95 -25.13 -9.35
CA GLY A 339 -3.11 -25.29 -10.77
C GLY A 339 -3.98 -24.19 -11.34
N GLY A 340 -4.00 -24.11 -12.66
CA GLY A 340 -4.85 -23.17 -13.36
C GLY A 340 -4.29 -21.76 -13.44
N LEU A 341 -5.19 -20.85 -13.81
CA LEU A 341 -4.82 -19.45 -13.99
C LEU A 341 -4.31 -18.84 -12.70
N CYS A 342 -4.90 -19.21 -11.57
CA CYS A 342 -4.44 -18.69 -10.29
C CYS A 342 -3.02 -19.14 -9.98
N TYR A 343 -2.67 -20.38 -10.34
CA TYR A 343 -1.30 -20.84 -10.16
C TYR A 343 -0.35 -20.08 -11.09
N TYR A 344 -0.72 -19.94 -12.36
CA TYR A 344 0.14 -19.24 -13.29
C TYR A 344 0.25 -17.75 -12.98
N LEU A 345 -0.65 -17.22 -12.17
CA LEU A 345 -0.56 -15.84 -11.70
C LEU A 345 0.11 -15.72 -10.34
N SER A 346 0.56 -16.83 -9.76
CA SER A 346 1.18 -16.86 -8.44
C SER A 346 2.70 -16.88 -8.56
N PRO A 347 3.40 -16.09 -7.76
CA PRO A 347 4.85 -16.07 -7.81
C PRO A 347 5.44 -17.41 -7.41
N PRO A 348 6.51 -17.85 -8.07
CA PRO A 348 7.23 -19.05 -7.60
C PRO A 348 8.01 -18.70 -6.34
N GLU A 349 7.71 -19.43 -5.26
CA GLU A 349 8.24 -19.06 -3.95
C GLU A 349 9.73 -19.34 -3.84
N SER A 350 10.17 -20.51 -4.33
CA SER A 350 11.55 -20.95 -4.16
C SER A 350 12.22 -21.14 -5.51
N PHE A 351 13.55 -21.24 -5.48
CA PHE A 351 14.30 -21.53 -6.69
C PHE A 351 13.94 -22.89 -7.25
N GLY A 352 13.72 -23.87 -6.36
CA GLY A 352 13.29 -25.18 -6.81
C GLY A 352 11.95 -25.15 -7.52
N SER A 353 11.05 -24.27 -7.08
CA SER A 353 9.77 -24.10 -7.77
C SER A 353 9.98 -23.58 -9.19
N VAL A 354 10.91 -22.64 -9.36
CA VAL A 354 11.23 -22.16 -10.70
C VAL A 354 11.82 -23.26 -11.55
N LEU A 355 12.73 -24.06 -10.97
CA LEU A 355 13.41 -25.09 -11.73
C LEU A 355 12.46 -26.20 -12.16
N GLU A 356 11.54 -26.60 -11.28
CA GLU A 356 10.66 -27.72 -11.59
C GLU A 356 9.62 -27.35 -12.64
N ASP A 357 9.17 -26.09 -12.64
CA ASP A 357 8.17 -25.60 -13.59
C ASP A 357 8.68 -24.32 -14.23
N PRO A 358 9.58 -24.40 -15.21
CA PRO A 358 9.99 -23.19 -15.94
C PRO A 358 8.82 -22.49 -16.63
N VAL A 359 7.83 -23.26 -17.09
CA VAL A 359 6.70 -22.66 -17.79
C VAL A 359 5.93 -21.74 -16.87
N HIS A 360 5.72 -22.16 -15.62
CA HIS A 360 5.03 -21.30 -14.66
C HIS A 360 5.80 -20.01 -14.42
N ALA A 361 7.13 -20.10 -14.28
CA ALA A 361 7.93 -18.90 -14.07
C ALA A 361 7.84 -17.96 -15.25
N VAL A 362 7.90 -18.50 -16.47
CA VAL A 362 7.83 -17.66 -17.66
C VAL A 362 6.46 -16.99 -17.76
N VAL A 363 5.40 -17.75 -17.50
CA VAL A 363 4.05 -17.18 -17.58
C VAL A 363 3.86 -16.11 -16.51
N TYR A 364 4.38 -16.36 -15.29
CA TYR A 364 4.28 -15.35 -14.24
C TYR A 364 5.02 -14.08 -14.61
N ILE A 365 6.23 -14.21 -15.16
CA ILE A 365 7.00 -13.03 -15.56
C ILE A 365 6.26 -12.25 -16.63
N VAL A 366 5.77 -12.95 -17.65
CA VAL A 366 5.08 -12.29 -18.76
C VAL A 366 3.82 -11.60 -18.25
N PHE A 367 3.04 -12.30 -17.42
CA PHE A 367 1.81 -11.70 -16.88
C PHE A 367 2.11 -10.49 -16.03
N MET A 368 3.12 -10.57 -15.16
CA MET A 368 3.45 -9.44 -14.30
C MET A 368 3.85 -8.23 -15.11
N LEU A 369 4.78 -8.42 -16.06
CA LEU A 369 5.24 -7.29 -16.87
C LEU A 369 4.10 -6.71 -17.69
N GLY A 370 3.33 -7.56 -18.37
CA GLY A 370 2.26 -7.06 -19.23
C GLY A 370 1.15 -6.39 -18.44
N SER A 371 0.75 -6.97 -17.32
CA SER A 371 -0.29 -6.36 -16.49
C SER A 371 0.18 -5.03 -15.92
N CYS A 372 1.43 -4.95 -15.47
CA CYS A 372 1.94 -3.69 -14.95
C CYS A 372 1.95 -2.62 -16.04
N ALA A 373 2.39 -2.97 -17.25
CA ALA A 373 2.40 -2.01 -18.35
C ALA A 373 0.99 -1.56 -18.70
N PHE A 374 0.06 -2.51 -18.80
CA PHE A 374 -1.31 -2.19 -19.16
C PHE A 374 -1.96 -1.30 -18.10
N PHE A 375 -1.73 -1.61 -16.82
CA PHE A 375 -2.31 -0.81 -15.76
C PHE A 375 -1.69 0.59 -15.73
N SER A 376 -0.40 0.69 -16.04
CA SER A 376 0.24 2.00 -16.10
C SER A 376 -0.38 2.86 -17.20
N LYS A 377 -0.52 2.30 -18.40
CA LYS A 377 -1.11 3.06 -19.50
C LYS A 377 -2.56 3.43 -19.21
N THR A 378 -3.34 2.47 -18.70
CA THR A 378 -4.73 2.75 -18.36
C THR A 378 -4.82 3.82 -17.29
N TRP A 379 -3.91 3.82 -16.32
CA TRP A 379 -3.97 4.82 -15.26
C TRP A 379 -3.59 6.20 -15.77
N ILE A 380 -2.60 6.29 -16.66
CA ILE A 380 -2.30 7.62 -17.21
C ILE A 380 -3.46 8.11 -18.06
N GLU A 381 -4.23 7.20 -18.66
CA GLU A 381 -5.43 7.64 -19.38
C GLU A 381 -6.52 8.09 -18.41
N VAL A 382 -6.69 7.39 -17.30
CA VAL A 382 -7.83 7.63 -16.42
C VAL A 382 -7.59 8.83 -15.50
N SER A 383 -6.43 8.87 -14.85
CA SER A 383 -6.18 9.81 -13.76
C SER A 383 -5.89 11.23 -14.22
N GLY A 384 -5.96 11.50 -15.51
CA GLY A 384 -5.69 12.85 -15.99
C GLY A 384 -4.22 13.19 -16.09
N SER A 385 -3.36 12.20 -16.33
CA SER A 385 -1.94 12.44 -16.57
C SER A 385 -1.55 12.03 -17.98
N SER A 386 -2.51 11.96 -18.90
CA SER A 386 -2.25 11.63 -20.28
C SER A 386 -1.44 12.74 -20.95
N PRO A 387 -0.75 12.44 -22.04
CA PRO A 387 -0.04 13.50 -22.78
C PRO A 387 -0.94 14.67 -23.15
N ARG A 388 -2.19 14.41 -23.54
CA ARG A 388 -3.13 15.49 -23.79
C ARG A 388 -3.47 16.23 -22.50
N ASP A 389 -3.60 15.50 -21.39
CA ASP A 389 -3.93 16.12 -20.12
C ASP A 389 -2.78 16.96 -19.57
N ILE A 390 -1.54 16.62 -19.90
CA ILE A 390 -0.41 17.47 -19.52
C ILE A 390 -0.21 18.61 -20.52
N ALA A 391 -0.54 18.39 -21.80
CA ALA A 391 -0.51 19.49 -22.76
C ALA A 391 -1.56 20.55 -22.44
N LYS A 392 -2.69 20.14 -21.87
CA LYS A 392 -3.66 21.13 -21.38
C LYS A 392 -3.07 21.98 -20.26
N GLN A 393 -2.34 21.36 -19.34
CA GLN A 393 -1.67 22.12 -18.28
C GLN A 393 -0.63 23.06 -18.87
N PHE A 394 0.12 22.59 -19.88
CA PHE A 394 1.10 23.44 -20.53
C PHE A 394 0.44 24.63 -21.21
N LYS A 395 -0.71 24.39 -21.87
CA LYS A 395 -1.40 25.45 -22.58
C LYS A 395 -2.00 26.47 -21.62
N ASP A 396 -2.72 26.01 -20.60
CA ASP A 396 -3.28 26.93 -19.61
C ASP A 396 -2.31 27.21 -18.48
N GLN A 397 -1.05 27.46 -18.81
CA GLN A 397 -0.08 28.05 -17.90
C GLN A 397 0.85 29.04 -18.58
N GLY A 398 0.88 29.07 -19.91
CA GLY A 398 1.91 29.78 -20.65
C GLY A 398 3.18 28.99 -20.87
N MET A 399 3.28 27.78 -20.33
CA MET A 399 4.50 27.00 -20.45
C MET A 399 4.60 26.36 -21.83
N VAL A 400 5.77 26.47 -22.44
CA VAL A 400 6.09 25.75 -23.67
C VAL A 400 7.39 25.01 -23.45
N ILE A 401 7.81 24.21 -24.43
CA ILE A 401 9.07 23.49 -24.37
C ILE A 401 10.13 24.36 -25.03
N ASN A 402 11.30 24.43 -24.40
CA ASN A 402 12.33 25.40 -24.76
C ASN A 402 12.68 25.38 -26.24
N GLY A 403 13.01 24.20 -26.76
CA GLY A 403 13.47 24.10 -28.13
C GLY A 403 12.43 23.67 -29.14
N LYS A 404 11.16 23.74 -28.74
CA LYS A 404 10.06 23.28 -29.59
C LYS A 404 8.98 24.35 -29.66
N ARG A 405 8.20 24.30 -30.73
CA ARG A 405 7.13 25.26 -30.94
C ARG A 405 6.00 25.04 -29.94
N GLU A 406 5.15 26.08 -29.79
CA GLU A 406 3.99 25.97 -28.93
C GLU A 406 2.90 25.08 -29.53
N THR A 407 2.88 24.93 -30.85
CA THR A 407 1.93 24.03 -31.50
C THR A 407 2.39 22.59 -31.49
N SER A 408 3.59 22.31 -30.98
CA SER A 408 4.14 20.96 -30.92
C SER A 408 4.35 20.49 -29.49
N ILE A 409 3.63 21.08 -28.53
CA ILE A 409 3.78 20.67 -27.14
C ILE A 409 3.22 19.27 -26.92
N TYR A 410 2.11 18.94 -27.59
CA TYR A 410 1.48 17.64 -27.40
C TYR A 410 2.22 16.51 -28.09
N ARG A 411 2.88 16.77 -29.22
CA ARG A 411 3.57 15.69 -29.92
C ARG A 411 4.79 15.20 -29.13
N GLU A 412 5.54 16.13 -28.53
CA GLU A 412 6.67 15.72 -27.69
C GLU A 412 6.18 14.96 -26.45
N LEU A 413 5.10 15.44 -25.84
CA LEU A 413 4.50 14.71 -24.73
C LEU A 413 3.97 13.35 -25.20
N LYS A 414 3.41 13.29 -26.40
CA LYS A 414 2.95 12.02 -26.94
C LYS A 414 4.10 11.05 -27.15
N LYS A 415 5.29 11.57 -27.46
CA LYS A 415 6.46 10.70 -27.61
C LYS A 415 6.98 10.24 -26.25
N ILE A 416 6.99 11.13 -25.26
CA ILE A 416 7.65 10.81 -23.98
C ILE A 416 6.71 10.05 -23.05
N ILE A 417 5.58 10.67 -22.70
CA ILE A 417 4.78 10.19 -21.56
C ILE A 417 4.24 8.78 -21.75
N PRO A 418 3.63 8.43 -22.90
CA PRO A 418 3.16 7.03 -23.03
C PRO A 418 4.27 6.00 -22.92
N THR A 419 5.42 6.27 -23.56
CA THR A 419 6.56 5.37 -23.44
C THR A 419 7.07 5.31 -22.00
N ALA A 420 7.10 6.47 -21.33
CA ALA A 420 7.53 6.49 -19.94
C ALA A 420 6.62 5.64 -19.08
N ALA A 421 5.30 5.76 -19.27
CA ALA A 421 4.35 4.98 -18.48
C ALA A 421 4.47 3.49 -18.76
N ALA A 422 4.52 3.11 -20.04
CA ALA A 422 4.62 1.69 -20.37
C ALA A 422 5.91 1.08 -19.85
N PHE A 423 7.05 1.76 -20.07
CA PHE A 423 8.31 1.18 -19.61
C PHE A 423 8.46 1.27 -18.10
N GLY A 424 7.82 2.23 -17.45
CA GLY A 424 7.77 2.20 -16.00
C GLY A 424 6.97 1.01 -15.50
N GLY A 425 5.90 0.65 -16.21
CA GLY A 425 5.18 -0.56 -15.89
C GLY A 425 6.05 -1.80 -16.03
N LEU A 426 6.77 -1.92 -17.15
CA LEU A 426 7.66 -3.06 -17.31
C LEU A 426 8.76 -3.08 -16.25
N CYS A 427 9.36 -1.92 -15.96
CA CYS A 427 10.44 -1.89 -14.98
C CYS A 427 9.93 -2.23 -13.58
N ILE A 428 8.76 -1.73 -13.21
CA ILE A 428 8.18 -2.01 -11.91
C ILE A 428 7.81 -3.48 -11.80
N GLY A 429 7.20 -4.05 -12.85
CA GLY A 429 6.89 -5.47 -12.82
C GLY A 429 8.14 -6.33 -12.75
N ALA A 430 9.19 -5.95 -13.48
CA ALA A 430 10.44 -6.69 -13.44
C ALA A 430 11.09 -6.60 -12.07
N LEU A 431 11.03 -5.43 -11.43
CA LEU A 431 11.57 -5.29 -10.09
C LEU A 431 10.81 -6.16 -9.09
N SER A 432 9.48 -6.18 -9.19
CA SER A 432 8.69 -7.03 -8.32
C SER A 432 8.99 -8.50 -8.56
N VAL A 433 9.12 -8.91 -9.83
CA VAL A 433 9.44 -10.29 -10.15
C VAL A 433 10.82 -10.67 -9.62
N LEU A 434 11.79 -9.77 -9.77
CA LEU A 434 13.14 -10.04 -9.26
C LEU A 434 13.14 -10.16 -7.75
N ALA A 435 12.40 -9.30 -7.05
CA ALA A 435 12.33 -9.40 -5.59
C ALA A 435 11.66 -10.69 -5.17
N ASP A 436 10.62 -11.12 -5.90
CA ASP A 436 9.96 -12.38 -5.59
C ASP A 436 10.89 -13.58 -5.85
N PHE A 437 11.71 -13.50 -6.89
CA PHE A 437 12.62 -14.60 -7.20
C PHE A 437 13.72 -14.71 -6.16
N LEU A 438 14.27 -13.58 -5.73
CA LEU A 438 15.36 -13.58 -4.75
C LEU A 438 14.90 -13.95 -3.35
N GLY A 439 13.60 -14.03 -3.11
CA GLY A 439 13.11 -14.34 -1.78
C GLY A 439 13.15 -13.19 -0.81
N ALA A 440 13.12 -11.99 -1.36
CA ALA A 440 13.18 -10.82 -0.54
C ALA A 440 12.03 -10.80 0.41
N ILE A 441 12.33 -10.35 1.62
CA ILE A 441 11.33 -10.23 2.65
C ILE A 441 10.58 -8.99 2.31
N GLY A 442 9.29 -9.00 2.53
CA GLY A 442 8.50 -7.86 2.14
C GLY A 442 7.95 -8.15 0.77
N SER A 443 8.59 -9.03 0.02
CA SER A 443 7.99 -9.39 -1.27
C SER A 443 8.17 -8.25 -2.27
N GLY A 444 8.00 -8.53 -3.55
CA GLY A 444 8.15 -7.49 -4.55
C GLY A 444 7.10 -6.40 -4.40
N THR A 445 5.85 -6.80 -4.23
CA THR A 445 4.78 -5.82 -4.03
C THR A 445 5.05 -4.93 -2.84
N GLY A 446 5.35 -5.53 -1.68
CA GLY A 446 5.58 -4.74 -0.48
C GLY A 446 6.79 -3.83 -0.60
N ILE A 447 7.89 -4.37 -1.11
CA ILE A 447 9.11 -3.59 -1.21
C ILE A 447 8.91 -2.41 -2.17
N LEU A 448 8.29 -2.66 -3.32
CA LEU A 448 8.08 -1.58 -4.28
C LEU A 448 7.15 -0.52 -3.72
N LEU A 449 6.06 -0.94 -3.06
CA LEU A 449 5.15 0.03 -2.47
C LEU A 449 5.85 0.87 -1.41
N ALA A 450 6.62 0.22 -0.55
CA ALA A 450 7.32 0.95 0.52
C ALA A 450 8.30 1.96 -0.06
N VAL A 451 9.12 1.53 -1.04
CA VAL A 451 10.11 2.43 -1.60
C VAL A 451 9.44 3.60 -2.30
N THR A 452 8.38 3.33 -3.07
CA THR A 452 7.70 4.42 -3.77
C THR A 452 7.04 5.40 -2.83
N ILE A 453 6.44 4.93 -1.74
CA ILE A 453 5.81 5.84 -0.78
C ILE A 453 6.85 6.65 -0.01
N ILE A 454 7.94 6.02 0.44
CA ILE A 454 8.98 6.80 1.11
C ILE A 454 9.60 7.79 0.14
N TYR A 455 9.67 7.45 -1.15
CA TYR A 455 10.17 8.41 -2.12
C TYR A 455 9.20 9.56 -2.33
N GLN A 456 7.89 9.29 -2.25
CA GLN A 456 6.93 10.39 -2.27
C GLN A 456 7.16 11.34 -1.11
N TYR A 457 7.41 10.79 0.08
CA TYR A 457 7.73 11.63 1.24
C TYR A 457 9.02 12.42 1.01
N PHE A 458 10.04 11.77 0.46
CA PHE A 458 11.31 12.44 0.21
C PHE A 458 11.16 13.56 -0.83
N GLU A 459 10.35 13.33 -1.86
CA GLU A 459 10.16 14.35 -2.87
C GLU A 459 9.31 15.50 -2.34
N ILE A 460 8.39 15.22 -1.41
CA ILE A 460 7.71 16.32 -0.71
C ILE A 460 8.71 17.12 0.10
N PHE A 461 9.64 16.44 0.77
CA PHE A 461 10.68 17.13 1.53
C PHE A 461 11.51 18.04 0.63
N VAL A 462 11.95 17.53 -0.52
CA VAL A 462 12.80 18.34 -1.38
C VAL A 462 12.01 19.47 -2.02
N LYS A 463 10.71 19.26 -2.28
CA LYS A 463 9.87 20.36 -2.75
C LYS A 463 9.78 21.47 -1.71
N GLU A 464 9.58 21.09 -0.44
CA GLU A 464 9.51 22.09 0.61
C GLU A 464 10.85 22.81 0.78
N GLN A 465 11.96 22.08 0.65
CA GLN A 465 13.27 22.71 0.72
C GLN A 465 13.48 23.69 -0.43
N SER A 466 13.04 23.32 -1.64
CA SER A 466 13.16 24.22 -2.79
C SER A 466 12.29 25.46 -2.59
N GLU A 467 11.14 25.31 -1.95
CA GLU A 467 10.29 26.46 -1.66
C GLU A 467 10.98 27.43 -0.70
N VAL A 468 11.95 26.95 0.07
CA VAL A 468 12.72 27.80 0.97
C VAL A 468 13.85 28.50 0.22
N GLN B 6 0.45 -9.80 -36.71
CA GLN B 6 1.88 -9.61 -36.58
C GLN B 6 2.20 -8.42 -35.66
N PHE B 7 2.53 -8.73 -34.41
CA PHE B 7 2.86 -7.71 -33.42
C PHE B 7 4.36 -7.55 -33.22
N VAL B 8 5.18 -8.14 -34.09
CA VAL B 8 6.63 -8.01 -33.96
C VAL B 8 7.05 -6.56 -34.16
N GLU B 9 6.51 -5.90 -35.17
CA GLU B 9 6.87 -4.51 -35.43
C GLU B 9 6.46 -3.57 -34.29
N PRO B 10 5.23 -3.62 -33.75
CA PRO B 10 4.93 -2.77 -32.59
C PRO B 10 5.81 -3.07 -31.38
N SER B 11 6.16 -4.34 -31.16
CA SER B 11 7.03 -4.68 -30.04
C SER B 11 8.42 -4.10 -30.22
N ARG B 12 8.98 -4.21 -31.44
CA ARG B 12 10.29 -3.63 -31.71
C ARG B 12 10.26 -2.11 -31.58
N GLN B 13 9.17 -1.48 -32.04
CA GLN B 13 9.05 -0.04 -31.91
C GLN B 13 8.99 0.38 -30.45
N PHE B 14 8.25 -0.37 -29.63
CA PHE B 14 8.19 -0.09 -28.20
C PHE B 14 9.56 -0.26 -27.55
N VAL B 15 10.29 -1.31 -27.91
CA VAL B 15 11.61 -1.52 -27.34
C VAL B 15 12.55 -0.39 -27.72
N LYS B 16 12.50 0.04 -28.99
CA LYS B 16 13.35 1.14 -29.43
C LYS B 16 13.01 2.44 -28.70
N ASP B 17 11.72 2.73 -28.56
CA ASP B 17 11.29 3.94 -27.85
C ASP B 17 11.73 3.89 -26.39
N SER B 18 11.59 2.73 -25.75
CA SER B 18 12.00 2.60 -24.36
C SER B 18 13.50 2.79 -24.20
N ILE B 19 14.29 2.21 -25.12
CA ILE B 19 15.74 2.37 -25.05
C ILE B 19 16.12 3.84 -25.23
N ARG B 20 15.49 4.52 -26.19
CA ARG B 20 15.79 5.93 -26.40
C ARG B 20 15.43 6.76 -25.18
N LEU B 21 14.26 6.50 -24.59
CA LEU B 21 13.82 7.26 -23.41
C LEU B 21 14.75 7.02 -22.23
N VAL B 22 15.19 5.77 -22.05
CA VAL B 22 16.12 5.47 -20.97
C VAL B 22 17.45 6.17 -21.18
N LYS B 23 17.96 6.16 -22.41
CA LYS B 23 19.21 6.84 -22.70
C LYS B 23 19.09 8.35 -22.49
N ARG B 24 17.91 8.91 -22.73
CA ARG B 24 17.69 10.33 -22.55
C ARG B 24 17.27 10.71 -21.13
N CYS B 25 17.00 9.73 -20.26
CA CYS B 25 16.62 10.01 -18.90
C CYS B 25 17.82 10.53 -18.10
N THR B 26 17.52 11.12 -16.95
CA THR B 26 18.53 11.61 -16.03
C THR B 26 18.63 10.62 -14.88
N LYS B 27 19.65 9.77 -14.92
CA LYS B 27 19.87 8.78 -13.89
C LYS B 27 20.46 9.44 -12.64
N PRO B 28 20.23 8.87 -11.45
CA PRO B 28 20.85 9.41 -10.25
C PRO B 28 22.37 9.30 -10.32
N ASP B 29 23.04 10.31 -9.76
CA ASP B 29 24.48 10.31 -9.66
C ASP B 29 24.89 9.57 -8.38
N ARG B 30 26.18 9.64 -8.02
CA ARG B 30 26.62 9.04 -6.78
C ARG B 30 26.12 9.81 -5.56
N LYS B 31 25.86 11.11 -5.71
CA LYS B 31 25.33 11.91 -4.61
C LYS B 31 23.82 11.82 -4.50
N GLU B 32 23.12 11.83 -5.63
CA GLU B 32 21.66 11.68 -5.61
C GLU B 32 21.27 10.31 -5.05
N PHE B 33 21.99 9.27 -5.45
CA PHE B 33 21.69 7.94 -4.94
C PHE B 33 21.89 7.87 -3.43
N GLN B 34 22.98 8.46 -2.92
CA GLN B 34 23.19 8.47 -1.48
C GLN B 34 22.10 9.24 -0.76
N LYS B 35 21.69 10.40 -1.31
CA LYS B 35 20.65 11.19 -0.67
C LYS B 35 19.34 10.41 -0.61
N ILE B 36 18.92 9.82 -1.73
CA ILE B 36 17.65 9.10 -1.77
C ILE B 36 17.72 7.84 -0.92
N ALA B 37 18.86 7.15 -0.93
CA ALA B 37 19.01 5.95 -0.12
C ALA B 37 18.96 6.27 1.36
N MET B 38 19.60 7.36 1.78
CA MET B 38 19.54 7.76 3.17
C MET B 38 18.12 8.15 3.57
N ALA B 39 17.42 8.88 2.70
CA ALA B 39 16.03 9.24 3.01
C ALA B 39 15.14 8.01 3.12
N THR B 40 15.31 7.06 2.20
CA THR B 40 14.52 5.84 2.24
C THR B 40 14.83 5.02 3.48
N ALA B 41 16.12 4.94 3.84
CA ALA B 41 16.51 4.21 5.05
C ALA B 41 15.91 4.84 6.30
N ILE B 42 15.92 6.19 6.36
CA ILE B 42 15.36 6.87 7.52
C ILE B 42 13.86 6.63 7.61
N GLY B 43 13.14 6.78 6.49
CA GLY B 43 11.70 6.56 6.52
C GLY B 43 11.33 5.13 6.86
N PHE B 44 12.03 4.17 6.24
CA PHE B 44 11.89 2.77 6.62
C PHE B 44 12.09 2.61 8.11
N ALA B 45 13.29 2.94 8.61
CA ALA B 45 13.60 2.76 10.03
C ALA B 45 12.51 3.33 10.92
N ILE B 46 12.05 4.55 10.62
CA ILE B 46 10.98 5.16 11.42
C ILE B 46 9.75 4.25 11.44
N MET B 47 9.17 4.00 10.26
CA MET B 47 7.91 3.26 10.22
C MET B 47 8.07 1.84 10.76
N GLY B 48 9.07 1.12 10.27
CA GLY B 48 9.27 -0.26 10.67
C GLY B 48 9.56 -0.41 12.15
N PHE B 49 10.40 0.46 12.72
CA PHE B 49 10.73 0.31 14.13
C PHE B 49 9.61 0.78 15.04
N ILE B 50 8.85 1.80 14.64
CA ILE B 50 7.66 2.16 15.41
C ILE B 50 6.69 0.98 15.43
N GLY B 51 6.46 0.36 14.27
CA GLY B 51 5.58 -0.80 14.24
C GLY B 51 6.11 -1.98 15.02
N PHE B 52 7.43 -2.22 14.93
CA PHE B 52 8.04 -3.32 15.66
C PHE B 52 7.88 -3.13 17.17
N PHE B 53 8.13 -1.92 17.66
CA PHE B 53 8.00 -1.68 19.09
C PHE B 53 6.55 -1.69 19.53
N VAL B 54 5.62 -1.22 18.69
CA VAL B 54 4.20 -1.29 19.04
C VAL B 54 3.76 -2.74 19.17
N LYS B 55 4.14 -3.57 18.20
CA LYS B 55 3.79 -4.99 18.26
C LYS B 55 4.42 -5.68 19.46
N LEU B 56 5.70 -5.39 19.72
CA LEU B 56 6.40 -6.02 20.84
C LEU B 56 5.79 -5.60 22.17
N ILE B 57 5.41 -4.34 22.31
CA ILE B 57 4.75 -3.89 23.53
C ILE B 57 3.39 -4.55 23.67
N HIS B 58 2.64 -4.65 22.58
CA HIS B 58 1.26 -5.13 22.66
C HIS B 58 1.15 -6.64 22.80
N ILE B 59 2.21 -7.40 22.53
CA ILE B 59 2.16 -8.85 22.78
C ILE B 59 1.90 -9.15 24.25
N PRO B 60 2.65 -8.59 25.22
CA PRO B 60 2.24 -8.78 26.63
C PRO B 60 0.86 -8.22 26.93
N ILE B 61 0.50 -7.09 26.33
CA ILE B 61 -0.80 -6.49 26.59
C ILE B 61 -1.91 -7.40 26.08
N ASN B 62 -1.73 -7.95 24.87
CA ASN B 62 -2.72 -8.89 24.34
C ASN B 62 -2.79 -10.16 25.17
N ASN B 63 -1.66 -10.62 25.73
CA ASN B 63 -1.71 -11.76 26.62
C ASN B 63 -2.48 -11.45 27.89
N ILE B 64 -2.29 -10.24 28.44
CA ILE B 64 -2.95 -9.88 29.69
C ILE B 64 -4.45 -9.70 29.50
N ILE B 65 -4.84 -8.96 28.46
CA ILE B 65 -6.26 -8.63 28.30
C ILE B 65 -7.04 -9.74 27.61
N VAL B 66 -6.38 -10.67 26.92
CA VAL B 66 -7.07 -11.76 26.25
C VAL B 66 -6.56 -13.10 26.75
N GLY C 65 -20.97 22.53 10.57
CA GLY C 65 -20.82 21.39 11.44
C GLY C 65 -19.73 21.57 12.47
N LEU C 66 -19.20 20.45 12.96
CA LEU C 66 -18.13 20.45 13.96
C LEU C 66 -16.80 20.17 13.28
N LYS C 67 -15.85 21.08 13.44
CA LYS C 67 -14.51 20.94 12.89
C LYS C 67 -13.52 20.82 14.03
N VAL C 68 -12.74 19.74 14.03
CA VAL C 68 -11.79 19.46 15.10
C VAL C 68 -10.37 19.55 14.55
N GLY C 69 -9.41 19.60 15.46
CA GLY C 69 -8.02 19.69 15.10
C GLY C 69 -7.31 18.36 15.25
N PRO C 70 -5.99 18.35 15.01
CA PRO C 70 -5.24 17.08 15.15
C PRO C 70 -5.24 16.52 16.56
N VAL C 71 -5.20 17.38 17.57
CA VAL C 71 -5.12 16.92 18.96
C VAL C 71 -6.47 16.35 19.42
N PRO C 72 -7.62 16.96 19.07
CA PRO C 72 -8.89 16.27 19.35
C PRO C 72 -8.98 14.90 18.69
N VAL C 73 -8.45 14.76 17.47
CA VAL C 73 -8.49 13.46 16.81
C VAL C 73 -7.58 12.46 17.52
N LEU C 74 -6.41 12.90 17.96
CA LEU C 74 -5.53 12.04 18.73
C LEU C 74 -6.20 11.59 20.02
N VAL C 75 -6.89 12.51 20.70
CA VAL C 75 -7.57 12.17 21.94
C VAL C 75 -8.72 11.20 21.67
N MET C 76 -9.46 11.41 20.59
CA MET C 76 -10.54 10.47 20.24
C MET C 76 -9.98 9.08 19.95
N SER C 77 -8.87 9.00 19.22
CA SER C 77 -8.28 7.71 18.92
C SER C 77 -7.80 7.02 20.19
N LEU C 78 -7.15 7.76 21.08
CA LEU C 78 -6.68 7.17 22.34
C LEU C 78 -7.85 6.73 23.21
N LEU C 79 -8.94 7.51 23.21
CA LEU C 79 -10.11 7.14 24.00
C LEU C 79 -10.80 5.90 23.43
N PHE C 80 -10.85 5.77 22.11
CA PHE C 80 -11.40 4.54 21.53
C PHE C 80 -10.53 3.33 21.86
N ILE C 81 -9.20 3.50 21.79
CA ILE C 81 -8.30 2.43 22.15
C ILE C 81 -8.51 2.02 23.61
N ALA C 82 -8.61 3.01 24.49
CA ALA C 82 -8.83 2.73 25.91
C ALA C 82 -10.20 2.11 26.16
N SER C 83 -11.21 2.50 25.39
CA SER C 83 -12.54 1.91 25.56
C SER C 83 -12.56 0.45 25.12
N VAL C 84 -11.87 0.12 24.04
CA VAL C 84 -11.77 -1.28 23.65
C VAL C 84 -10.98 -2.07 24.69
N PHE C 85 -9.91 -1.48 25.23
CA PHE C 85 -9.17 -2.14 26.31
C PHE C 85 -10.06 -2.38 27.53
N MET C 86 -10.87 -1.38 27.89
CA MET C 86 -11.76 -1.51 29.03
C MET C 86 -12.84 -2.56 28.77
N LEU C 87 -13.32 -2.66 27.53
CA LEU C 87 -14.26 -3.73 27.19
C LEU C 87 -13.61 -5.09 27.38
N HIS C 88 -12.37 -5.25 26.91
CA HIS C 88 -11.66 -6.51 27.08
C HIS C 88 -11.47 -6.85 28.56
N ILE C 89 -11.07 -5.86 29.36
CA ILE C 89 -10.84 -6.07 30.78
C ILE C 89 -12.13 -6.42 31.49
N TRP C 90 -13.22 -5.72 31.17
CA TRP C 90 -14.51 -5.99 31.79
C TRP C 90 -15.00 -7.38 31.44
N GLY C 91 -14.86 -7.78 30.18
CA GLY C 91 -15.25 -9.13 29.79
C GLY C 91 -14.44 -10.19 30.51
N LYS C 92 -13.11 -10.00 30.58
CA LYS C 92 -12.27 -10.98 31.25
C LYS C 92 -12.60 -11.09 32.74
N TYR C 93 -12.83 -9.96 33.40
CA TYR C 93 -13.11 -10.00 34.83
C TYR C 93 -14.51 -10.53 35.12
N THR C 94 -15.48 -10.25 34.24
CA THR C 94 -16.82 -10.79 34.43
C THR C 94 -16.86 -12.29 34.21
N ARG C 95 -16.20 -12.77 33.14
CA ARG C 95 -16.18 -14.20 32.88
C ARG C 95 -15.40 -14.96 33.95
N SER C 96 -14.28 -14.40 34.39
CA SER C 96 -13.47 -15.05 35.42
C SER C 96 -14.12 -14.92 36.79
N ALA D 1 -16.54 -8.17 -0.94
CA ALA D 1 -16.92 -8.14 -2.35
C ALA D 1 -15.62 -8.31 -3.16
#